data_3IIT
#
_entry.id   3IIT
#
_cell.length_a   56.055
_cell.length_b   72.179
_cell.length_c   79.238
_cell.angle_alpha   90.00
_cell.angle_beta   90.00
_cell.angle_gamma   90.00
#
_symmetry.space_group_name_H-M   'P 21 21 21'
#
loop_
_entity.id
_entity.type
_entity.pdbx_description
1 polymer 'Activated factor Xa heavy chain'
2 polymer 'Factor X light chain'
3 non-polymer 'CALCIUM ION'
4 non-polymer 7-chloro-N-[(1S,2R,4S)-4-(dimethylcarbamoyl)-2-{[(5-methyl-5,6-dihydro-4H-pyrrolo[3,4-d][1,3]thiazol-2-yl)carbonyl]amino}cyclohexyl]isoquinoline-3-carboxamide
5 water water
#
loop_
_entity_poly.entity_id
_entity_poly.type
_entity_poly.pdbx_seq_one_letter_code
_entity_poly.pdbx_strand_id
1 'polypeptide(L)'
;IVGGQECKDGECPWQALLINEENEGFCGGTILSEFYILTAAHCLYQAKRFKVRVGDRNTEQEEGGEAVHEVEVVIKHNRF
TKETYDFDIAVLRLKTPITFRMNVAPACLPERDWAESTLMTQKTGIVSGFGRTHEKGRQSTRLKMLEVPYVDRNSCKLSS
SFIITQNMFCAGYDTKQEDACQGDSGGPHVTRFKDTYFVTGIVSWGEGCARKGKYGIYTKVTAFLKWIDRSMK
;
A
2 'polypeptide(L)' TRKLCSLDNGDCDQFCHEEQNSVVCSCARGYTLADNGKACIPTGPYPCGKQTLE B
#
loop_
_chem_comp.id
_chem_comp.type
_chem_comp.name
_chem_comp.formula
CA non-polymer 'CALCIUM ION' 'Ca 2'
D14 non-polymer 7-chloro-N-[(1S,2R,4S)-4-(dimethylcarbamoyl)-2-{[(5-methyl-5,6-dihydro-4H-pyrrolo[3,4-d][1,3]thiazol-2-yl)carbonyl]amino}cyclohexyl]isoquinoline-3-carboxamide 'C26 H29 Cl N6 O3 S'
#
# COMPACT_ATOMS: atom_id res chain seq x y z
N ILE A 1 2.31 -1.62 -13.78
CA ILE A 1 2.61 -3.05 -13.37
C ILE A 1 3.04 -3.92 -14.57
N VAL A 2 4.23 -4.48 -14.46
CA VAL A 2 4.76 -5.42 -15.43
C VAL A 2 4.44 -6.82 -14.97
N GLY A 3 3.81 -7.58 -15.85
CA GLY A 3 3.32 -8.87 -15.44
C GLY A 3 2.07 -8.73 -14.58
N GLY A 4 1.89 -9.68 -13.69
CA GLY A 4 0.73 -9.70 -12.76
C GLY A 4 -0.58 -9.97 -13.47
N GLN A 5 -1.68 -9.57 -12.83
CA GLN A 5 -3.05 -9.85 -13.29
C GLN A 5 -3.87 -8.58 -13.14
N GLU A 6 -4.96 -8.44 -13.90
CA GLU A 6 -5.91 -7.38 -13.61
C GLU A 6 -6.42 -7.55 -12.22
N CYS A 7 -6.68 -6.42 -11.55
CA CYS A 7 -7.58 -6.42 -10.42
C CYS A 7 -8.98 -6.70 -10.90
N LYS A 8 -9.57 -7.78 -10.38
CA LYS A 8 -10.92 -8.15 -10.70
C LYS A 8 -11.86 -7.43 -9.75
N ASP A 9 -13.14 -7.54 -10.05
CA ASP A 9 -14.15 -6.82 -9.31
C ASP A 9 -14.00 -7.00 -7.80
N GLY A 10 -13.76 -5.89 -7.11
CA GLY A 10 -13.65 -5.93 -5.65
C GLY A 10 -12.27 -6.23 -5.09
N GLU A 11 -11.31 -6.57 -5.94
CA GLU A 11 -10.05 -7.09 -5.44
C GLU A 11 -9.05 -6.08 -4.94
N CYS A 12 -9.11 -4.85 -5.43
CA CYS A 12 -8.05 -3.84 -5.09
C CYS A 12 -8.73 -2.57 -4.66
N PRO A 13 -9.65 -2.66 -3.70
CA PRO A 13 -10.57 -1.53 -3.45
C PRO A 13 -9.88 -0.32 -2.81
N TRP A 14 -8.69 -0.50 -2.23
CA TRP A 14 -7.97 0.62 -1.57
C TRP A 14 -7.09 1.38 -2.55
N GLN A 15 -7.11 0.99 -3.82
CA GLN A 15 -6.29 1.71 -4.81
C GLN A 15 -6.87 3.11 -5.06
N ALA A 16 -6.04 4.15 -5.08
CA ALA A 16 -6.47 5.49 -5.52
C ALA A 16 -5.57 5.85 -6.69
N LEU A 17 -6.06 6.75 -7.53
CA LEU A 17 -5.31 7.22 -8.69
C LEU A 17 -5.22 8.71 -8.60
N LEU A 18 -4.00 9.24 -8.64
CA LEU A 18 -3.85 10.71 -8.67
C LEU A 18 -3.90 11.13 -10.13
N ILE A 19 -4.71 12.14 -10.45
CA ILE A 19 -4.95 12.50 -11.80
C ILE A 19 -4.67 14.01 -11.98
N ASN A 20 -4.10 14.33 -13.11
CA ASN A 20 -3.69 15.70 -13.38
C ASN A 20 -4.85 16.48 -14.01
N GLU A 21 -4.53 17.68 -14.51
CA GLU A 21 -5.55 18.56 -15.05
C GLU A 21 -6.18 17.97 -16.30
N GLU A 22 -5.40 17.20 -17.04
CA GLU A 22 -5.88 16.51 -18.24
C GLU A 22 -6.62 15.22 -17.90
N ASN A 23 -6.94 15.04 -16.62
CA ASN A 23 -7.61 13.84 -16.15
C ASN A 23 -6.85 12.52 -16.42
N GLU A 24 -5.54 12.58 -16.48
CA GLU A 24 -4.72 11.40 -16.67
C GLU A 24 -4.04 11.02 -15.36
N GLY A 25 -3.99 9.72 -15.06
CA GLY A 25 -3.28 9.27 -13.86
C GLY A 25 -1.78 9.41 -14.00
N PHE A 26 -1.15 9.90 -12.94
CA PHE A 26 0.30 9.97 -12.96
C PHE A 26 0.91 9.25 -11.75
N CYS A 27 0.09 8.84 -10.78
CA CYS A 27 0.65 8.22 -9.56
C CYS A 27 -0.48 7.50 -8.84
N GLY A 28 -0.17 6.55 -7.93
CA GLY A 28 -1.19 5.81 -7.20
C GLY A 28 -1.29 6.41 -5.81
N GLY A 29 -2.17 5.86 -5.00
CA GLY A 29 -2.28 6.16 -3.60
C GLY A 29 -3.02 4.99 -2.98
N THR A 30 -3.07 4.96 -1.66
CA THR A 30 -3.81 3.91 -0.93
C THR A 30 -4.84 4.62 -0.08
N ILE A 31 -6.09 4.17 -0.16
CA ILE A 31 -7.09 4.68 0.72
C ILE A 31 -6.88 4.23 2.17
N LEU A 32 -6.72 5.17 3.09
CA LEU A 32 -6.53 4.79 4.50
C LEU A 32 -7.81 4.95 5.32
N SER A 33 -8.67 5.86 4.87
CA SER A 33 -9.96 6.13 5.57
C SER A 33 -10.81 7.06 4.68
N GLU A 34 -11.99 7.46 5.16
CA GLU A 34 -12.87 8.19 4.26
C GLU A 34 -12.24 9.56 3.86
N PHE A 35 -11.36 10.09 4.67
CA PHE A 35 -10.70 11.38 4.34
C PHE A 35 -9.25 11.35 3.90
N TYR A 36 -8.57 10.22 4.02
CA TYR A 36 -7.10 10.29 3.82
C TYR A 36 -6.61 9.28 2.82
N ILE A 37 -5.71 9.76 1.97
CA ILE A 37 -5.00 8.95 0.99
C ILE A 37 -3.51 8.95 1.34
N LEU A 38 -2.90 7.78 1.31
CA LEU A 38 -1.44 7.67 1.42
C LEU A 38 -0.81 7.65 0.03
N THR A 39 0.22 8.48 -0.19
CA THR A 39 0.99 8.42 -1.44
C THR A 39 2.50 8.72 -1.22
N ALA A 40 3.24 8.86 -2.32
CA ALA A 40 4.67 9.11 -2.30
C ALA A 40 4.87 10.61 -2.40
N ALA A 41 5.74 11.16 -1.54
CA ALA A 41 6.10 12.57 -1.60
C ALA A 41 6.59 12.97 -3.00
N HIS A 42 7.38 12.13 -3.66
CA HIS A 42 7.92 12.55 -4.95
C HIS A 42 6.79 12.78 -5.96
N CYS A 43 5.64 12.15 -5.73
CA CYS A 43 4.55 12.32 -6.67
C CYS A 43 4.03 13.73 -6.70
N LEU A 44 4.17 14.45 -5.60
CA LEU A 44 3.59 15.79 -5.51
C LEU A 44 4.29 16.72 -6.51
N TYR A 45 5.52 16.40 -6.90
CA TYR A 45 6.24 17.25 -7.85
C TYR A 45 5.78 17.02 -9.30
N GLN A 46 4.99 15.98 -9.52
CA GLN A 46 4.65 15.55 -10.88
C GLN A 46 3.43 16.24 -11.51
N ALA A 47 2.75 17.08 -10.75
CA ALA A 47 1.58 17.76 -11.26
C ALA A 47 1.36 18.98 -10.40
N LYS A 48 1.06 20.12 -11.03
CA LYS A 48 0.84 21.33 -10.25
C LYS A 48 -0.47 21.23 -9.48
N ARG A 49 -1.54 20.84 -10.16
CA ARG A 49 -2.79 20.65 -9.46
C ARG A 49 -3.28 19.26 -9.80
N PHE A 50 -3.84 18.59 -8.81
CA PHE A 50 -4.30 17.23 -9.03
C PHE A 50 -5.47 16.85 -8.11
N LYS A 51 -6.18 15.79 -8.50
CA LYS A 51 -7.31 15.31 -7.75
C LYS A 51 -7.09 13.81 -7.54
N VAL A 52 -7.99 13.17 -6.80
CA VAL A 52 -7.84 11.76 -6.52
C VAL A 52 -9.06 11.05 -7.03
N ARG A 53 -8.84 10.04 -7.87
CA ARG A 53 -9.95 9.17 -8.28
C ARG A 53 -9.92 7.83 -7.56
N VAL A 54 -11.10 7.37 -7.15
CA VAL A 54 -11.24 6.06 -6.50
C VAL A 54 -12.29 5.27 -7.23
N GLY A 55 -12.25 3.93 -7.07
CA GLY A 55 -13.30 3.07 -7.63
C GLY A 55 -13.06 2.69 -9.08
N ASP A 56 -11.96 3.15 -9.67
CA ASP A 56 -11.75 2.98 -11.10
C ASP A 56 -10.97 1.68 -11.33
N ARG A 57 -11.39 0.91 -12.33
CA ARG A 57 -10.65 -0.28 -12.73
C ARG A 57 -10.25 -0.25 -14.19
N ASN A 58 -11.00 0.52 -14.98
CA ASN A 58 -10.77 0.62 -16.41
C ASN A 58 -10.88 2.08 -16.84
N THR A 59 -9.78 2.75 -17.13
CA THR A 59 -9.83 4.20 -17.38
C THR A 59 -10.52 4.56 -18.70
N GLU A 60 -10.89 3.54 -19.48
CA GLU A 60 -11.55 3.77 -20.77
C GLU A 60 -13.09 3.68 -20.70
N GLN A 61 -13.65 3.49 -19.51
CA GLN A 61 -15.10 3.45 -19.44
C GLN A 61 -15.68 3.71 -18.04
N GLU A 62 -16.89 4.25 -18.01
CA GLU A 62 -17.50 4.59 -16.73
C GLU A 62 -18.36 3.43 -16.22
N GLU A 63 -17.82 2.64 -15.29
CA GLU A 63 -18.53 1.50 -14.74
C GLU A 63 -19.42 1.90 -13.56
N GLY A 64 -19.56 3.22 -13.35
CA GLY A 64 -20.48 3.75 -12.35
C GLY A 64 -19.98 3.98 -10.94
N GLY A 65 -18.96 3.24 -10.52
CA GLY A 65 -18.51 3.32 -9.14
C GLY A 65 -17.39 4.33 -8.89
N GLU A 66 -16.90 4.95 -9.96
CA GLU A 66 -15.75 5.88 -9.89
C GLU A 66 -16.13 7.20 -9.22
N ALA A 67 -15.25 7.75 -8.39
CA ALA A 67 -15.51 9.08 -7.84
C ALA A 67 -14.22 9.88 -7.71
N VAL A 68 -14.29 11.17 -8.03
CA VAL A 68 -13.12 12.03 -7.98
C VAL A 68 -13.24 12.89 -6.73
N HIS A 69 -12.16 13.03 -5.98
CA HIS A 69 -12.17 13.86 -4.80
C HIS A 69 -11.11 14.92 -4.93
N GLU A 70 -11.47 16.11 -4.47
CA GLU A 70 -10.49 17.16 -4.40
C GLU A 70 -9.66 17.00 -3.15
N VAL A 71 -8.41 17.45 -3.25
CA VAL A 71 -7.51 17.43 -2.12
C VAL A 71 -7.58 18.72 -1.31
N GLU A 72 -7.77 18.61 -0.01
CA GLU A 72 -7.88 19.79 0.84
C GLU A 72 -6.53 20.19 1.42
N VAL A 73 -5.81 19.22 1.96
CA VAL A 73 -4.51 19.46 2.57
C VAL A 73 -3.52 18.41 2.06
N VAL A 74 -2.33 18.85 1.65
CA VAL A 74 -1.21 17.94 1.33
C VAL A 74 -0.22 17.98 2.49
N ILE A 75 0.06 16.81 3.07
CA ILE A 75 0.95 16.69 4.20
C ILE A 75 2.14 15.87 3.70
N LYS A 76 3.24 16.57 3.43
CA LYS A 76 4.42 15.93 2.84
C LYS A 76 5.45 15.77 3.93
N HIS A 77 6.15 14.62 3.97
CA HIS A 77 7.14 14.42 4.99
C HIS A 77 8.22 15.49 4.80
N ASN A 78 8.52 16.19 5.87
CA ASN A 78 9.46 17.35 5.82
C ASN A 78 10.89 16.91 5.55
N ARG A 79 11.15 15.60 5.62
CA ARG A 79 12.49 15.11 5.40
C ARG A 79 12.67 14.46 4.04
N PHE A 80 11.64 14.52 3.19
CA PHE A 80 11.75 14.00 1.83
C PHE A 80 12.92 14.63 1.08
N THR A 81 13.69 13.76 0.41
CA THR A 81 14.91 14.14 -0.28
C THR A 81 14.86 13.66 -1.71
N LYS A 82 14.79 14.61 -2.64
CA LYS A 82 14.74 14.22 -4.04
C LYS A 82 15.96 13.43 -4.49
N GLU A 83 17.10 13.60 -3.83
CA GLU A 83 18.32 13.02 -4.38
C GLU A 83 18.47 11.53 -4.05
N THR A 84 17.81 11.08 -2.98
CA THR A 84 17.84 9.66 -2.61
C THR A 84 16.44 9.05 -2.49
N TYR A 85 15.43 9.91 -2.61
CA TYR A 85 14.02 9.57 -2.37
C TYR A 85 13.79 9.05 -0.96
N ASP A 86 14.67 9.42 -0.04
CA ASP A 86 14.45 9.08 1.37
C ASP A 86 13.20 9.80 1.88
N PHE A 87 12.48 9.18 2.83
CA PHE A 87 11.23 9.73 3.39
C PHE A 87 10.22 9.99 2.28
N ASP A 88 10.08 9.02 1.36
CA ASP A 88 9.18 9.19 0.25
C ASP A 88 7.73 8.86 0.67
N ILE A 89 7.09 9.81 1.36
CA ILE A 89 5.75 9.63 1.91
C ILE A 89 4.98 10.95 2.07
N ALA A 90 3.69 10.90 1.77
CA ALA A 90 2.81 12.06 1.86
C ALA A 90 1.43 11.53 2.18
N VAL A 91 0.66 12.30 2.94
CA VAL A 91 -0.74 11.99 3.15
C VAL A 91 -1.59 13.15 2.64
N LEU A 92 -2.75 12.83 2.12
CA LEU A 92 -3.59 13.84 1.49
C LEU A 92 -4.91 13.79 2.24
N ARG A 93 -5.36 14.94 2.69
CA ARG A 93 -6.69 15.03 3.28
C ARG A 93 -7.65 15.53 2.21
N LEU A 94 -8.72 14.78 1.97
CA LEU A 94 -9.66 15.13 0.96
C LEU A 94 -10.71 16.15 1.46
N LYS A 95 -11.22 16.95 0.53
CA LYS A 95 -12.26 17.94 0.85
C LYS A 95 -13.58 17.27 1.21
N THR A 96 -13.89 16.14 0.58
CA THR A 96 -15.14 15.43 0.85
C THR A 96 -14.81 13.96 1.14
N PRO A 97 -15.61 13.30 1.99
CA PRO A 97 -15.23 11.95 2.42
C PRO A 97 -15.56 10.92 1.34
N ILE A 98 -14.71 9.90 1.23
CA ILE A 98 -14.91 8.88 0.24
C ILE A 98 -16.08 8.04 0.65
N THR A 99 -16.89 7.64 -0.31
CA THR A 99 -17.99 6.72 -0.10
C THR A 99 -17.57 5.28 -0.33
N PHE A 100 -17.55 4.46 0.71
CA PHE A 100 -17.07 3.10 0.53
C PHE A 100 -18.17 2.31 -0.16
N ARG A 101 -17.79 1.38 -1.01
CA ARG A 101 -18.73 0.69 -1.84
C ARG A 101 -17.87 -0.33 -2.53
N MET A 102 -18.50 -1.07 -3.42
CA MET A 102 -17.78 -1.99 -4.24
C MET A 102 -16.64 -1.24 -4.89
N ASN A 103 -15.43 -1.84 -4.87
CA ASN A 103 -14.20 -1.24 -5.37
C ASN A 103 -13.63 -0.02 -4.63
N VAL A 104 -14.21 0.34 -3.51
CA VAL A 104 -13.72 1.48 -2.73
C VAL A 104 -13.79 1.12 -1.25
N ALA A 105 -12.64 0.85 -0.64
CA ALA A 105 -12.57 0.50 0.77
C ALA A 105 -11.14 0.74 1.20
N PRO A 106 -10.93 0.98 2.51
CA PRO A 106 -9.59 1.29 2.95
C PRO A 106 -8.78 0.05 3.27
N ALA A 107 -7.46 0.13 3.12
CA ALA A 107 -6.54 -0.88 3.58
C ALA A 107 -6.28 -0.59 5.08
N CYS A 108 -5.94 -1.61 5.85
CA CYS A 108 -5.76 -1.43 7.30
C CYS A 108 -4.34 -0.95 7.54
N LEU A 109 -4.20 -0.03 8.48
CA LEU A 109 -2.87 0.30 9.00
C LEU A 109 -2.53 -0.68 10.09
N PRO A 110 -1.38 -1.37 9.98
CA PRO A 110 -1.06 -2.27 11.05
C PRO A 110 -0.32 -1.54 12.20
N GLU A 111 -0.13 -2.26 13.29
CA GLU A 111 0.80 -1.84 14.36
C GLU A 111 2.24 -2.14 13.97
N ARG A 112 3.18 -1.23 14.31
CA ARG A 112 4.58 -1.38 13.81
C ARG A 112 5.27 -2.70 14.13
N ASP A 113 5.46 -3.03 15.42
CA ASP A 113 6.20 -4.25 15.75
C ASP A 113 5.57 -5.48 15.13
N TRP A 114 4.24 -5.59 15.22
CA TRP A 114 3.59 -6.77 14.63
C TRP A 114 3.80 -6.82 13.12
N ALA A 115 3.69 -5.67 12.46
CA ALA A 115 3.88 -5.64 11.00
C ALA A 115 5.31 -6.11 10.65
N GLU A 116 6.30 -5.62 11.39
CA GLU A 116 7.69 -5.93 11.03
C GLU A 116 8.00 -7.39 11.28
N SER A 117 7.45 -7.95 12.38
CA SER A 117 7.82 -9.32 12.71
C SER A 117 6.97 -10.32 11.95
N THR A 118 5.73 -9.93 11.64
CA THR A 118 4.75 -10.89 11.12
C THR A 118 4.34 -10.62 9.67
N LEU A 119 4.00 -9.39 9.30
CA LEU A 119 3.69 -9.10 7.88
C LEU A 119 4.93 -9.08 6.97
N MET A 120 5.95 -8.34 7.36
CA MET A 120 7.07 -8.16 6.45
C MET A 120 7.99 -9.38 6.37
N THR A 121 7.70 -10.40 7.17
CA THR A 121 8.39 -11.69 7.11
C THR A 121 7.56 -12.69 6.32
N GLN A 122 6.41 -12.27 5.79
CA GLN A 122 5.63 -13.17 4.95
C GLN A 122 6.45 -13.33 3.68
N LYS A 123 6.09 -14.33 2.86
CA LYS A 123 6.80 -14.58 1.63
C LYS A 123 6.61 -13.42 0.64
N THR A 124 5.40 -12.87 0.58
CA THR A 124 5.08 -11.90 -0.47
C THR A 124 4.13 -10.78 0.01
N GLY A 125 4.10 -9.68 -0.75
CA GLY A 125 3.07 -8.68 -0.58
C GLY A 125 2.49 -8.46 -1.97
N ILE A 126 1.57 -7.52 -2.10
CA ILE A 126 0.90 -7.26 -3.34
C ILE A 126 1.01 -5.78 -3.69
N VAL A 127 1.45 -5.49 -4.92
CA VAL A 127 1.58 -4.11 -5.41
C VAL A 127 0.54 -3.97 -6.49
N SER A 128 -0.01 -2.79 -6.65
CA SER A 128 -1.04 -2.63 -7.65
C SER A 128 -0.93 -1.24 -8.26
N GLY A 129 -1.49 -1.06 -9.46
CA GLY A 129 -1.59 0.28 -10.01
C GLY A 129 -1.91 0.33 -11.48
N PHE A 130 -1.90 1.55 -12.00
CA PHE A 130 -2.26 1.82 -13.39
C PHE A 130 -1.01 2.18 -14.18
N GLY A 131 0.16 1.79 -13.67
CA GLY A 131 1.45 2.22 -14.23
C GLY A 131 1.78 1.47 -15.52
N ARG A 132 2.95 1.76 -16.08
CA ARG A 132 3.38 1.15 -17.34
C ARG A 132 3.42 -0.35 -17.25
N THR A 133 3.11 -1.05 -18.35
CA THR A 133 3.17 -2.51 -18.35
C THR A 133 4.48 -3.07 -18.87
N HIS A 134 5.36 -2.17 -19.28
CA HIS A 134 6.78 -2.49 -19.38
C HIS A 134 7.54 -1.20 -19.31
N GLU A 135 8.83 -1.32 -19.03
CA GLU A 135 9.68 -0.17 -18.79
C GLU A 135 9.47 1.01 -19.76
N LYS A 136 9.42 0.71 -21.06
CA LYS A 136 9.33 1.78 -22.05
C LYS A 136 7.92 1.94 -22.62
N GLY A 137 6.94 1.28 -22.01
CA GLY A 137 5.59 1.30 -22.53
C GLY A 137 4.68 2.42 -22.03
N ARG A 138 3.41 2.35 -22.39
CA ARG A 138 2.44 3.34 -21.92
C ARG A 138 1.82 2.82 -20.64
N GLN A 139 1.12 3.70 -19.95
CA GLN A 139 0.40 3.32 -18.77
C GLN A 139 -0.70 2.36 -19.14
N SER A 140 -1.07 1.53 -18.17
CA SER A 140 -2.17 0.61 -18.32
C SER A 140 -3.53 1.30 -18.18
N THR A 141 -4.46 1.01 -19.06
CA THR A 141 -5.80 1.51 -18.86
C THR A 141 -6.54 0.60 -17.87
N ARG A 142 -5.98 -0.56 -17.55
CA ARG A 142 -6.56 -1.48 -16.55
C ARG A 142 -5.83 -1.51 -15.21
N LEU A 143 -6.54 -1.43 -14.09
CA LEU A 143 -5.91 -1.64 -12.78
C LEU A 143 -5.32 -3.04 -12.67
N LYS A 144 -4.02 -3.13 -12.36
CA LYS A 144 -3.38 -4.42 -12.24
C LYS A 144 -2.82 -4.61 -10.84
N MET A 145 -2.60 -5.87 -10.45
CA MET A 145 -1.92 -6.20 -9.21
C MET A 145 -0.89 -7.29 -9.47
N LEU A 146 0.02 -7.46 -8.51
CA LEU A 146 1.14 -8.36 -8.70
C LEU A 146 1.64 -8.81 -7.33
N GLU A 147 1.82 -10.12 -7.17
CA GLU A 147 2.40 -10.63 -5.97
C GLU A 147 3.91 -10.45 -6.07
N VAL A 148 4.52 -9.79 -5.09
CA VAL A 148 5.96 -9.57 -5.11
C VAL A 148 6.62 -10.11 -3.87
N PRO A 149 7.66 -10.96 -4.06
CA PRO A 149 8.36 -11.41 -2.86
C PRO A 149 9.06 -10.26 -2.11
N TYR A 150 9.04 -10.35 -0.81
CA TYR A 150 9.93 -9.56 0.01
C TYR A 150 11.33 -10.01 -0.28
N VAL A 151 12.25 -9.06 -0.37
CA VAL A 151 13.65 -9.32 -0.69
C VAL A 151 14.54 -8.97 0.52
N ASP A 152 15.40 -9.92 0.90
CA ASP A 152 16.45 -9.73 1.92
C ASP A 152 17.09 -8.35 1.83
N ARG A 153 17.25 -7.63 2.96
CA ARG A 153 17.79 -6.25 2.87
C ARG A 153 19.22 -6.23 2.32
N ASN A 154 20.00 -7.24 2.69
CA ASN A 154 21.39 -7.36 2.20
C ASN A 154 21.45 -7.52 0.67
N SER A 155 20.72 -8.50 0.15
CA SER A 155 20.67 -8.67 -1.30
C SER A 155 20.23 -7.38 -1.95
N CYS A 156 19.22 -6.74 -1.38
CA CYS A 156 18.73 -5.57 -2.04
C CYS A 156 19.81 -4.50 -2.06
N LYS A 157 20.51 -4.35 -0.95
CA LYS A 157 21.56 -3.34 -0.92
C LYS A 157 22.65 -3.68 -1.91
N LEU A 158 22.99 -4.96 -2.03
CA LEU A 158 24.01 -5.35 -2.96
C LEU A 158 23.59 -5.02 -4.40
N SER A 159 22.31 -5.21 -4.68
CA SER A 159 21.76 -5.05 -6.03
C SER A 159 21.64 -3.60 -6.48
N SER A 160 21.68 -2.67 -5.53
CA SER A 160 21.29 -1.29 -5.82
C SER A 160 22.48 -0.39 -6.16
N SER A 161 22.35 0.42 -7.20
CA SER A 161 23.33 1.47 -7.50
C SER A 161 23.15 2.68 -6.59
N PHE A 162 22.03 2.72 -5.88
CA PHE A 162 21.73 3.88 -5.05
C PHE A 162 21.43 3.39 -3.65
N ILE A 163 21.68 4.25 -2.67
CA ILE A 163 21.53 3.89 -1.27
C ILE A 163 20.09 3.46 -0.93
N ILE A 164 19.97 2.33 -0.23
CA ILE A 164 18.70 1.87 0.32
C ILE A 164 18.70 2.25 1.78
N THR A 165 17.94 3.26 2.16
CA THR A 165 17.89 3.66 3.55
C THR A 165 16.98 2.73 4.34
N GLN A 166 16.98 2.90 5.65
CA GLN A 166 16.08 2.18 6.50
C GLN A 166 14.62 2.57 6.34
N ASN A 167 14.33 3.59 5.54
CA ASN A 167 12.94 3.95 5.29
C ASN A 167 12.43 3.33 4.02
N MET A 168 13.17 2.36 3.51
CA MET A 168 12.87 1.71 2.24
C MET A 168 13.00 0.22 2.41
N PHE A 169 12.28 -0.58 1.61
CA PHE A 169 12.60 -1.99 1.53
C PHE A 169 12.44 -2.40 0.09
N CYS A 170 12.91 -3.59 -0.23
CA CYS A 170 12.87 -4.12 -1.58
C CYS A 170 11.87 -5.24 -1.75
N ALA A 171 11.24 -5.31 -2.91
CA ALA A 171 10.33 -6.41 -3.15
C ALA A 171 10.39 -6.70 -4.65
N GLY A 172 10.09 -7.93 -5.04
CA GLY A 172 10.02 -8.26 -6.47
C GLY A 172 10.93 -9.44 -6.79
N TYR A 173 11.46 -9.46 -8.00
CA TYR A 173 12.13 -10.64 -8.54
C TYR A 173 13.49 -10.26 -9.11
N ASP A 174 14.45 -11.16 -8.95
CA ASP A 174 15.80 -10.98 -9.51
C ASP A 174 15.72 -10.89 -11.02
N THR A 175 15.23 -11.94 -11.66
CA THR A 175 15.15 -11.91 -13.11
C THR A 175 13.74 -12.06 -13.69
N LYS A 176 12.83 -12.71 -12.96
CA LYS A 176 11.48 -12.86 -13.52
C LYS A 176 11.00 -11.47 -13.90
N GLN A 177 10.29 -11.36 -15.01
CA GLN A 177 9.90 -10.05 -15.53
C GLN A 177 8.52 -9.58 -15.00
N GLU A 178 8.48 -9.29 -13.70
CA GLU A 178 7.30 -8.76 -13.02
C GLU A 178 7.82 -7.73 -12.04
N ASP A 179 7.16 -6.58 -11.98
CA ASP A 179 7.62 -5.47 -11.14
C ASP A 179 6.54 -4.37 -11.26
N ALA A 180 6.56 -3.41 -10.35
CA ALA A 180 5.84 -2.18 -10.54
C ALA A 180 6.64 -1.41 -11.58
N CYS A 181 6.11 -0.27 -11.99
CA CYS A 181 6.79 0.56 -12.94
C CYS A 181 6.28 2.00 -12.84
N GLN A 182 6.77 2.86 -13.73
CA GLN A 182 6.46 4.28 -13.69
C GLN A 182 4.95 4.45 -13.78
N GLY A 183 4.38 5.33 -12.99
CA GLY A 183 2.92 5.49 -12.98
C GLY A 183 2.30 4.72 -11.81
N ASP A 184 2.97 3.64 -11.36
CA ASP A 184 2.53 2.92 -10.15
C ASP A 184 2.96 3.63 -8.85
N SER A 185 3.91 4.55 -8.97
CA SER A 185 4.43 5.30 -7.84
C SER A 185 3.37 5.92 -6.95
N GLY A 186 3.59 5.82 -5.65
CA GLY A 186 2.64 6.34 -4.69
C GLY A 186 1.57 5.29 -4.32
N GLY A 187 1.46 4.23 -5.12
CA GLY A 187 0.43 3.24 -4.92
C GLY A 187 0.63 2.23 -3.79
N PRO A 188 -0.33 1.33 -3.63
CA PRO A 188 -0.32 0.43 -2.47
C PRO A 188 0.69 -0.72 -2.64
N HIS A 189 1.42 -1.00 -1.56
CA HIS A 189 1.99 -2.32 -1.32
C HIS A 189 1.27 -2.79 -0.06
N VAL A 190 0.51 -3.86 -0.20
CA VAL A 190 -0.23 -4.39 0.95
C VAL A 190 0.15 -5.86 1.14
N THR A 191 -0.03 -6.35 2.37
CA THR A 191 0.33 -7.69 2.74
C THR A 191 -0.90 -8.37 3.32
N ARG A 192 -1.23 -9.56 2.81
CA ARG A 192 -2.41 -10.24 3.27
C ARG A 192 -2.07 -11.06 4.51
N PHE A 193 -2.93 -10.96 5.52
CA PHE A 193 -2.78 -11.84 6.69
C PHE A 193 -4.18 -12.31 7.04
N LYS A 194 -4.42 -13.62 6.96
CA LYS A 194 -5.77 -14.16 7.12
C LYS A 194 -6.89 -13.38 6.45
N ASP A 195 -6.83 -13.29 5.14
CA ASP A 195 -7.87 -12.58 4.42
C ASP A 195 -8.11 -11.10 4.79
N THR A 196 -7.19 -10.49 5.54
CA THR A 196 -7.23 -9.04 5.74
C THR A 196 -5.94 -8.42 5.19
N TYR A 197 -6.09 -7.30 4.47
CA TYR A 197 -4.96 -6.68 3.79
C TYR A 197 -4.51 -5.46 4.55
N PHE A 198 -3.22 -5.43 4.82
CA PHE A 198 -2.59 -4.32 5.58
C PHE A 198 -1.62 -3.51 4.73
N VAL A 199 -1.66 -2.18 4.85
CA VAL A 199 -0.70 -1.41 4.13
C VAL A 199 0.72 -1.65 4.67
N THR A 200 1.67 -2.02 3.79
CA THR A 200 3.04 -2.28 4.20
C THR A 200 4.07 -1.41 3.43
N GLY A 201 3.63 -0.77 2.37
CA GLY A 201 4.61 -0.01 1.59
C GLY A 201 3.95 0.95 0.63
N ILE A 202 4.75 1.85 0.11
CA ILE A 202 4.28 2.79 -0.86
C ILE A 202 5.24 2.59 -2.05
N VAL A 203 4.69 2.40 -3.25
CA VAL A 203 5.53 2.27 -4.43
C VAL A 203 6.42 3.54 -4.58
N SER A 204 7.73 3.34 -4.68
CA SER A 204 8.65 4.48 -4.58
C SER A 204 9.54 4.69 -5.80
N TRP A 205 10.44 3.74 -6.05
CA TRP A 205 11.31 3.90 -7.23
C TRP A 205 11.89 2.57 -7.66
N GLY A 206 12.53 2.56 -8.81
CA GLY A 206 13.32 1.41 -9.24
C GLY A 206 14.26 1.87 -10.34
N GLU A 207 15.36 1.14 -10.53
CA GLU A 207 16.23 1.34 -11.71
C GLU A 207 15.58 0.64 -12.89
N GLY A 208 14.80 1.36 -13.65
CA GLY A 208 13.95 0.70 -14.63
C GLY A 208 12.86 -0.18 -14.00
N CYS A 209 12.24 -1.00 -14.83
CA CYS A 209 11.17 -1.87 -14.37
C CYS A 209 11.47 -3.29 -14.73
N ALA A 210 11.55 -4.15 -13.72
CA ALA A 210 11.71 -5.57 -13.93
C ALA A 210 13.07 -5.96 -14.53
N ARG A 211 14.08 -5.09 -14.37
CA ARG A 211 15.45 -5.38 -14.84
C ARG A 211 16.10 -6.52 -14.06
N LYS A 212 17.00 -7.24 -14.74
CA LYS A 212 17.66 -8.36 -14.12
C LYS A 212 18.56 -7.79 -13.07
N GLY A 213 18.64 -8.45 -11.93
CA GLY A 213 19.50 -7.99 -10.86
C GLY A 213 18.98 -6.76 -10.15
N LYS A 214 17.74 -6.35 -10.42
CA LYS A 214 17.16 -5.15 -9.77
C LYS A 214 15.78 -5.44 -9.15
N TYR A 215 15.47 -4.75 -8.06
CA TYR A 215 14.22 -4.96 -7.35
C TYR A 215 13.43 -3.68 -7.28
N GLY A 216 12.15 -3.79 -6.91
CA GLY A 216 11.30 -2.61 -6.71
C GLY A 216 11.59 -2.08 -5.32
N ILE A 217 11.70 -0.76 -5.19
CA ILE A 217 11.99 -0.12 -3.93
C ILE A 217 10.73 0.62 -3.41
N TYR A 218 10.35 0.29 -2.18
CA TYR A 218 9.12 0.79 -1.55
C TYR A 218 9.45 1.54 -0.29
N THR A 219 8.68 2.59 -0.01
CA THR A 219 8.78 3.25 1.28
C THR A 219 8.30 2.26 2.35
N LYS A 220 9.06 2.09 3.43
CA LYS A 220 8.73 1.19 4.55
C LYS A 220 7.69 1.87 5.43
N VAL A 221 6.43 1.46 5.25
CA VAL A 221 5.35 2.13 5.94
C VAL A 221 5.49 1.97 7.45
N THR A 222 6.02 0.84 7.91
CA THR A 222 6.11 0.68 9.36
C THR A 222 7.03 1.74 9.98
N ALA A 223 7.91 2.38 9.22
CA ALA A 223 8.79 3.41 9.85
C ALA A 223 8.01 4.71 10.09
N PHE A 224 6.82 4.80 9.49
CA PHE A 224 6.07 6.06 9.49
C PHE A 224 4.66 5.97 10.10
N LEU A 225 4.38 4.89 10.82
CA LEU A 225 3.03 4.69 11.33
C LEU A 225 2.64 5.78 12.34
N LYS A 226 3.58 6.18 13.20
CA LYS A 226 3.29 7.30 14.10
C LYS A 226 3.05 8.59 13.34
N TRP A 227 3.86 8.82 12.32
CA TRP A 227 3.77 10.01 11.50
C TRP A 227 2.44 9.99 10.72
N ILE A 228 2.06 8.82 10.18
CA ILE A 228 0.76 8.72 9.55
C ILE A 228 -0.37 9.02 10.57
N ASP A 229 -0.31 8.38 11.72
CA ASP A 229 -1.30 8.61 12.79
C ASP A 229 -1.46 10.11 13.06
N ARG A 230 -0.35 10.78 13.36
CA ARG A 230 -0.36 12.24 13.56
C ARG A 230 -0.95 13.02 12.41
N SER A 231 -0.55 12.69 11.19
CA SER A 231 -1.06 13.39 10.01
C SER A 231 -2.58 13.29 9.82
N MET A 232 -3.18 12.17 10.26
CA MET A 232 -4.61 11.98 10.08
C MET A 232 -5.27 12.63 11.29
N LYS A 233 -4.41 13.23 12.09
CA LYS A 233 -4.76 13.89 13.36
C LYS A 233 -5.15 12.91 14.46
N THR B 1 12.76 -21.98 20.25
CA THR B 1 11.52 -22.63 19.73
C THR B 1 10.34 -21.65 19.77
N ARG B 2 9.44 -21.78 18.81
CA ARG B 2 8.39 -20.80 18.60
C ARG B 2 7.39 -20.85 19.75
N LYS B 3 7.23 -19.74 20.44
CA LYS B 3 6.27 -19.66 21.52
C LYS B 3 5.42 -18.44 21.32
N LEU B 4 4.27 -18.44 21.98
CA LEU B 4 3.47 -17.24 22.09
C LEU B 4 3.22 -16.66 20.71
N CYS B 5 3.50 -15.37 20.51
CA CYS B 5 3.18 -14.74 19.24
C CYS B 5 3.95 -15.34 18.08
N SER B 6 5.06 -16.00 18.37
CA SER B 6 5.82 -16.60 17.28
C SER B 6 5.30 -17.96 16.87
N LEU B 7 4.32 -18.48 17.60
CA LEU B 7 3.70 -19.76 17.20
C LEU B 7 2.32 -19.45 16.62
N ASP B 8 2.24 -19.51 15.30
CA ASP B 8 1.01 -19.21 14.57
C ASP B 8 0.32 -17.91 15.04
N ASN B 9 1.10 -16.82 15.19
CA ASN B 9 0.52 -15.54 15.56
C ASN B 9 -0.26 -15.56 16.89
N GLY B 10 0.03 -16.52 17.78
CA GLY B 10 -0.63 -16.56 19.08
C GLY B 10 -2.11 -16.94 18.96
N ASP B 11 -2.51 -17.47 17.81
CA ASP B 11 -3.95 -17.75 17.49
C ASP B 11 -4.77 -16.48 17.25
N CYS B 12 -4.09 -15.32 17.20
CA CYS B 12 -4.82 -14.07 16.97
C CYS B 12 -5.21 -13.92 15.50
N ASP B 13 -6.35 -13.33 15.22
CA ASP B 13 -6.70 -12.98 13.86
C ASP B 13 -5.77 -11.90 13.29
N GLN B 14 -5.41 -10.92 14.11
CA GLN B 14 -4.64 -9.78 13.61
C GLN B 14 -3.42 -9.54 14.53
N PHE B 15 -3.42 -8.44 15.28
CA PHE B 15 -2.21 -8.06 16.03
C PHE B 15 -1.98 -8.99 17.20
N CYS B 16 -0.74 -9.39 17.41
CA CYS B 16 -0.37 -10.20 18.56
C CYS B 16 0.76 -9.46 19.28
N HIS B 17 0.65 -9.32 20.60
CA HIS B 17 1.67 -8.77 21.49
C HIS B 17 1.91 -9.75 22.63
N GLU B 18 3.14 -9.79 23.13
CA GLU B 18 3.48 -10.70 24.19
C GLU B 18 3.65 -9.85 25.40
N GLU B 19 2.83 -10.14 26.41
CA GLU B 19 2.69 -9.33 27.59
C GLU B 19 2.88 -10.27 28.77
N GLN B 20 3.70 -9.86 29.71
CA GLN B 20 4.30 -10.81 30.60
C GLN B 20 4.64 -11.95 29.69
N ASN B 21 4.28 -13.14 30.13
CA ASN B 21 4.64 -14.30 29.37
C ASN B 21 3.41 -14.91 28.67
N SER B 22 2.56 -14.04 28.12
CA SER B 22 1.35 -14.52 27.44
C SER B 22 0.94 -13.66 26.23
N VAL B 23 0.17 -14.30 25.34
CA VAL B 23 -0.32 -13.66 24.13
C VAL B 23 -1.44 -12.70 24.44
N VAL B 24 -1.35 -11.49 23.90
CA VAL B 24 -2.48 -10.56 23.93
C VAL B 24 -2.87 -10.19 22.48
N CYS B 25 -4.11 -10.48 22.08
CA CYS B 25 -4.53 -10.19 20.69
C CYS B 25 -5.20 -8.82 20.61
N SER B 26 -5.12 -8.14 19.46
CA SER B 26 -5.91 -6.92 19.25
C SER B 26 -6.19 -6.74 17.75
N CYS B 27 -6.94 -5.72 17.41
CA CYS B 27 -7.48 -5.60 16.05
C CYS B 27 -7.28 -4.19 15.53
N ALA B 28 -7.22 -4.05 14.21
CA ALA B 28 -7.22 -2.75 13.54
C ALA B 28 -8.49 -1.92 13.85
N ARG B 29 -8.42 -0.61 13.61
CA ARG B 29 -9.60 0.24 13.87
C ARG B 29 -10.76 -0.20 13.00
N GLY B 30 -11.97 -0.19 13.55
CA GLY B 30 -13.11 -0.63 12.79
C GLY B 30 -13.42 -2.09 13.03
N TYR B 31 -12.58 -2.76 13.82
CA TYR B 31 -12.89 -4.11 14.31
C TYR B 31 -12.93 -4.10 15.80
N THR B 32 -13.64 -5.08 16.33
CA THR B 32 -13.71 -5.34 17.74
C THR B 32 -13.23 -6.76 18.01
N LEU B 33 -12.45 -6.91 19.07
CA LEU B 33 -12.06 -8.23 19.53
C LEU B 33 -13.24 -9.08 20.03
N ALA B 34 -13.28 -10.31 19.60
CA ALA B 34 -14.39 -11.16 19.89
C ALA B 34 -14.31 -11.64 21.34
N ASP B 35 -15.38 -12.25 21.80
CA ASP B 35 -15.47 -12.83 23.14
C ASP B 35 -14.33 -13.80 23.45
N ASN B 36 -13.83 -14.51 22.44
CA ASN B 36 -12.72 -15.43 22.69
C ASN B 36 -11.38 -14.69 22.83
N GLY B 37 -11.39 -13.37 22.70
CA GLY B 37 -10.13 -12.61 22.84
C GLY B 37 -9.10 -12.81 21.72
N LYS B 38 -9.52 -13.39 20.60
CA LYS B 38 -8.59 -13.69 19.52
C LYS B 38 -9.10 -13.18 18.17
N ALA B 39 -10.35 -13.50 17.83
CA ALA B 39 -10.89 -13.08 16.55
C ALA B 39 -11.22 -11.62 16.55
N CYS B 40 -11.23 -11.04 15.36
CA CYS B 40 -11.58 -9.65 15.13
C CYS B 40 -12.88 -9.57 14.31
N ILE B 41 -13.85 -8.81 14.82
CA ILE B 41 -15.16 -8.67 14.16
C ILE B 41 -15.35 -7.27 13.65
N PRO B 42 -15.71 -7.16 12.36
CA PRO B 42 -15.88 -5.82 11.81
C PRO B 42 -17.10 -5.18 12.47
N THR B 43 -16.98 -3.94 12.93
CA THR B 43 -18.11 -3.28 13.61
C THR B 43 -19.03 -2.43 12.72
N GLY B 44 -18.77 -2.43 11.42
CA GLY B 44 -19.61 -1.66 10.54
C GLY B 44 -19.34 -2.12 9.13
N PRO B 45 -20.02 -1.50 8.16
CA PRO B 45 -19.80 -1.81 6.75
C PRO B 45 -18.42 -1.32 6.30
N TYR B 46 -17.89 -1.98 5.28
CA TYR B 46 -16.59 -1.67 4.67
C TYR B 46 -15.43 -1.53 5.67
N PRO B 47 -15.20 -2.58 6.47
CA PRO B 47 -14.06 -2.61 7.38
C PRO B 47 -12.76 -2.62 6.56
N CYS B 48 -11.68 -2.12 7.14
CA CYS B 48 -10.48 -1.99 6.38
C CYS B 48 -9.96 -3.38 6.01
N GLY B 49 -9.24 -3.41 4.91
CA GLY B 49 -8.47 -4.60 4.56
C GLY B 49 -9.31 -5.73 3.99
N LYS B 50 -10.60 -5.49 3.73
CA LYS B 50 -11.45 -6.53 3.12
C LYS B 50 -11.76 -6.25 1.63
N GLN B 51 -11.52 -7.23 0.78
CA GLN B 51 -11.87 -7.02 -0.60
C GLN B 51 -13.39 -6.88 -0.61
N THR B 52 -13.95 -6.09 -1.54
CA THR B 52 -15.40 -5.81 -1.53
C THR B 52 -16.21 -6.83 -2.34
N LEU B 53 -17.36 -7.25 -1.79
CA LEU B 53 -18.18 -8.26 -2.45
C LEU B 53 -19.58 -7.73 -2.78
N GLU B 54 -19.86 -6.50 -2.33
CA GLU B 54 -21.10 -5.82 -2.64
C GLU B 54 -20.94 -4.30 -2.43
CA CA C . -13.64 3.48 -15.27
CA CA D . 14.52 -7.86 -11.25
C1 D14 E . 9.13 2.10 -9.53
CL1 D14 E . 8.42 -0.39 -6.54
C2 D14 E . 9.74 1.25 -10.49
C3 D14 E . 10.14 1.81 -11.70
C4 D14 E . 9.92 3.19 -11.90
N5 D14 E . 9.36 4.02 -10.96
C6 D14 E . 8.97 3.45 -9.81
C7 D14 E . 9.92 -0.13 -10.25
C8 D14 E . 9.51 -0.67 -9.02
C9 D14 E . 8.91 0.20 -8.08
C10 D14 E . 8.73 1.57 -8.30
C12 D14 E . 10.37 3.82 -13.18
N13 D14 E . 11.02 4.96 -12.96
C14 D14 E . 11.54 5.79 -14.05
O15 D14 E . 10.23 3.35 -14.30
C16 D14 E . 13.06 5.55 -14.15
C17 D14 E . 13.65 6.47 -15.24
C18 D14 E . 13.37 7.96 -14.90
C19 D14 E . 11.85 8.23 -14.82
C20 D14 E . 11.16 7.28 -13.80
N26 D14 E . 13.68 5.77 -12.84
C27 D14 E . 14.86 5.30 -12.48
C28 D14 E . 15.32 5.82 -11.16
O29 D14 E . 15.53 4.53 -13.18
N30 D14 E . 14.59 6.56 -10.31
C31 D14 E . 15.32 6.73 -9.12
C32 D14 E . 16.53 6.16 -9.08
S33 D14 E . 16.92 5.32 -10.52
C34 D14 E . 17.23 6.41 -7.81
N35 D14 E . 16.45 7.54 -7.26
C36 D14 E . 15.11 7.45 -7.85
C37 D14 E . 16.50 7.58 -5.81
#